data_6DI9
#
_entry.id   6DI9
#
_cell.length_a   71.911
_cell.length_b   104.610
_cell.length_c   38.098
_cell.angle_alpha   90.000
_cell.angle_beta   90.000
_cell.angle_gamma   90.000
#
_symmetry.space_group_name_H-M   'P 21 21 2'
#
loop_
_entity.id
_entity.type
_entity.pdbx_description
1 polymer 'Tyrosine-protein kinase BTK'
2 non-polymer 6-[(3S)-3-(acryloylamino)pyrrolidin-1-yl]-2-{[4-(tert-butylcarbamoyl)phenyl]amino}pyridine-3-carboxamide
3 non-polymer 'DIMETHYL SULFOXIDE'
4 water water
#
_entity_poly.entity_id   1
_entity_poly.type   'polypeptide(L)'
_entity_poly.pdbx_seq_one_letter_code
;GLGYGSWEIDPKDLTFLKELGTGQFGVVKYGKWRGQYDVAIKMIKEGSMSEDEFIEEAKVMMNLSHEKLVQLYGVCTKQR
PIFIITEYMANGCLLNYLREMRHRFQTQQLLEMCKDVCEAMEYLESKQFLHRDLAARNCLVNDQGVVKVSDFGLSRYVLD
DEYTSSVGSKFPVRWSPPEVLMYSKFSSKSDIWAFGVLMWEIYSLGKMPYERFTNSETAEHIAQGLRLYRPHLASEKVYT
IMYSCWHEKADERPTFKILLSNILDVMDEES
;
_entity_poly.pdbx_strand_id   A
#
loop_
_chem_comp.id
_chem_comp.type
_chem_comp.name
_chem_comp.formula
DMS non-polymer 'DIMETHYL SULFOXIDE' 'C2 H6 O S'
GJJ non-polymer 6-[(3S)-3-(acryloylamino)pyrrolidin-1-yl]-2-{[4-(tert-butylcarbamoyl)phenyl]amino}pyridine-3-carboxamide 'C24 H30 N6 O3'
#
# COMPACT_ATOMS: atom_id res chain seq x y z
N TYR A 4 6.84 27.76 -12.15
CA TYR A 4 6.41 26.48 -11.54
C TYR A 4 4.90 26.38 -11.55
N GLY A 5 4.37 25.26 -12.06
CA GLY A 5 2.96 24.94 -11.92
C GLY A 5 2.69 24.48 -10.50
N SER A 6 1.40 24.33 -10.15
CA SER A 6 1.00 24.04 -8.78
C SER A 6 1.41 22.62 -8.32
N TRP A 7 1.76 21.77 -9.27
CA TRP A 7 2.26 20.41 -9.01
C TRP A 7 3.79 20.38 -8.89
N GLU A 8 4.43 21.52 -9.15
CA GLU A 8 5.91 21.62 -9.19
C GLU A 8 6.51 22.27 -7.94
N ILE A 9 7.46 21.57 -7.35
CA ILE A 9 8.24 22.11 -6.22
C ILE A 9 9.59 22.56 -6.73
N ASP A 10 10.08 23.69 -6.20
CA ASP A 10 11.43 24.19 -6.53
C ASP A 10 12.41 23.40 -5.65
N PRO A 11 13.30 22.61 -6.25
CA PRO A 11 14.23 21.86 -5.42
C PRO A 11 15.18 22.74 -4.60
N LYS A 12 15.32 24.01 -4.97
CA LYS A 12 16.08 24.92 -4.13
C LYS A 12 15.48 25.17 -2.76
N ASP A 13 14.20 24.82 -2.59
CA ASP A 13 13.53 24.92 -1.30
C ASP A 13 13.72 23.72 -0.40
N LEU A 14 14.50 22.74 -0.85
CA LEU A 14 14.69 21.52 -0.07
C LEU A 14 16.03 21.59 0.66
N THR A 15 16.06 21.07 1.88
CA THR A 15 17.26 20.81 2.67
C THR A 15 17.29 19.29 2.94
N PHE A 16 18.36 18.61 2.54
CA PHE A 16 18.48 17.16 2.74
C PHE A 16 19.05 16.84 4.09
N LEU A 17 18.43 15.95 4.86
CA LEU A 17 18.80 15.69 6.27
C LEU A 17 19.35 14.28 6.50
N LYS A 18 18.78 13.26 5.85
CA LYS A 18 19.38 11.93 5.92
C LYS A 18 18.79 10.95 4.91
N GLU A 19 19.53 9.88 4.65
CA GLU A 19 19.10 8.84 3.71
C GLU A 19 18.11 7.89 4.37
N LEU A 20 17.07 7.54 3.65
CA LEU A 20 16.05 6.62 4.13
C LEU A 20 16.16 5.31 3.36
N VAL A 27 16.54 5.99 -4.69
CA VAL A 27 16.97 6.57 -3.41
C VAL A 27 15.89 7.47 -2.81
N VAL A 28 15.75 7.38 -1.50
CA VAL A 28 14.76 8.17 -0.77
C VAL A 28 15.47 8.88 0.41
N LYS A 29 15.20 10.17 0.59
CA LYS A 29 15.82 10.98 1.64
C LYS A 29 14.76 11.68 2.47
N TYR A 30 15.05 11.96 3.73
CA TYR A 30 14.28 12.86 4.60
C TYR A 30 14.89 14.25 4.46
N GLY A 31 14.02 15.24 4.36
CA GLY A 31 14.41 16.62 4.34
C GLY A 31 13.37 17.59 4.85
N LYS A 32 13.68 18.88 4.70
CA LYS A 32 12.76 19.93 5.04
C LYS A 32 12.49 20.77 3.82
N TRP A 33 11.26 21.25 3.65
CA TRP A 33 10.87 22.21 2.62
C TRP A 33 10.73 23.57 3.28
N ARG A 34 11.40 24.55 2.70
CA ARG A 34 11.46 25.94 3.21
C ARG A 34 11.73 25.98 4.66
N GLY A 35 12.75 25.20 5.04
CA GLY A 35 13.31 25.18 6.39
C GLY A 35 12.50 24.50 7.49
N GLN A 36 11.23 24.25 7.28
CA GLN A 36 10.34 23.92 8.40
C GLN A 36 9.50 22.69 8.23
N TYR A 37 9.16 22.32 7.01
CA TYR A 37 8.16 21.28 6.82
C TYR A 37 8.83 19.96 6.43
N ASP A 38 8.60 18.90 7.21
CA ASP A 38 9.17 17.61 6.93
C ASP A 38 8.66 17.02 5.64
N VAL A 39 9.59 16.47 4.85
CA VAL A 39 9.23 15.81 3.61
C VAL A 39 10.07 14.58 3.40
N ALA A 40 9.54 13.65 2.59
CA ALA A 40 10.35 12.60 1.99
C ALA A 40 10.58 12.96 0.55
N ILE A 41 11.77 12.67 0.07
CA ILE A 41 12.24 13.04 -1.27
C ILE A 41 12.71 11.78 -1.97
N LYS A 42 11.96 11.35 -2.98
CA LYS A 42 12.29 10.19 -3.81
C LYS A 42 12.97 10.63 -5.08
N MET A 43 14.17 10.12 -5.31
CA MET A 43 14.98 10.45 -6.51
C MET A 43 14.70 9.39 -7.54
N ILE A 44 14.18 9.81 -8.69
CA ILE A 44 13.80 8.84 -9.72
C ILE A 44 15.00 8.62 -10.66
N LYS A 45 15.55 7.40 -10.58
CA LYS A 45 16.72 6.99 -11.37
C LYS A 45 16.46 7.08 -12.86
N GLU A 46 17.42 7.63 -13.61
CA GLU A 46 17.30 7.83 -15.04
C GLU A 46 16.99 6.50 -15.71
N GLY A 47 16.04 6.56 -16.65
CA GLY A 47 15.56 5.40 -17.38
C GLY A 47 14.61 4.46 -16.65
N SER A 48 14.28 4.75 -15.39
CA SER A 48 13.48 3.80 -14.62
C SER A 48 12.00 4.06 -14.80
N MET A 49 11.64 5.29 -15.17
CA MET A 49 10.23 5.69 -15.15
C MET A 49 9.79 6.33 -16.46
N SER A 50 8.52 6.13 -16.84
CA SER A 50 7.96 6.86 -17.96
C SER A 50 7.59 8.24 -17.46
N GLU A 51 8.54 9.18 -17.53
CA GLU A 51 8.45 10.41 -16.76
C GLU A 51 7.36 11.38 -17.19
N ASP A 52 7.13 11.55 -18.49
CA ASP A 52 6.13 12.51 -18.93
C ASP A 52 4.71 12.00 -18.59
N GLU A 53 4.48 10.69 -18.77
CA GLU A 53 3.23 10.10 -18.29
C GLU A 53 3.06 10.26 -16.77
N PHE A 54 4.12 9.99 -16.02
CA PHE A 54 4.04 10.16 -14.58
C PHE A 54 3.74 11.59 -14.18
N ILE A 55 4.33 12.55 -14.86
CA ILE A 55 4.09 13.96 -14.53
C ILE A 55 2.64 14.35 -14.75
N GLU A 56 2.06 13.89 -15.85
CA GLU A 56 0.66 14.16 -16.10
C GLU A 56 -0.21 13.55 -14.99
N GLU A 57 0.10 12.32 -14.58
CA GLU A 57 -0.65 11.68 -13.51
C GLU A 57 -0.46 12.34 -12.13
N ALA A 58 0.74 12.87 -11.91
CA ALA A 58 1.04 13.60 -10.66
C ALA A 58 0.08 14.76 -10.44
N LYS A 59 -0.35 15.39 -11.52
CA LYS A 59 -1.31 16.49 -11.41
C LYS A 59 -2.63 16.04 -10.81
N VAL A 60 -3.06 14.82 -11.15
CA VAL A 60 -4.26 14.22 -10.58
C VAL A 60 -4.01 13.76 -9.16
N MET A 61 -2.86 13.13 -8.94
CA MET A 61 -2.50 12.64 -7.61
C MET A 61 -2.44 13.79 -6.59
N MET A 62 -2.09 15.00 -7.03
CA MET A 62 -2.10 16.20 -6.15
C MET A 62 -3.45 16.42 -5.48
N ASN A 63 -4.51 16.07 -6.18
CA ASN A 63 -5.86 16.26 -5.69
C ASN A 63 -6.41 15.12 -4.83
N LEU A 64 -5.71 14.01 -4.72
CA LEU A 64 -6.12 12.95 -3.84
C LEU A 64 -5.66 13.41 -2.46
N SER A 65 -6.54 13.35 -1.47
CA SER A 65 -6.17 13.77 -0.13
C SER A 65 -7.01 12.97 0.82
N HIS A 66 -6.38 12.18 1.68
CA HIS A 66 -7.07 11.45 2.73
C HIS A 66 -6.05 11.26 3.85
N GLU A 67 -6.48 11.23 5.07
CA GLU A 67 -5.61 11.12 6.20
C GLU A 67 -4.81 9.83 6.21
N LYS A 68 -5.28 8.78 5.55
CA LYS A 68 -4.62 7.49 5.54
C LYS A 68 -3.92 7.19 4.21
N LEU A 69 -3.76 8.21 3.38
CA LEU A 69 -3.06 8.14 2.14
C LEU A 69 -1.84 9.04 2.24
N VAL A 70 -0.66 8.53 1.97
CA VAL A 70 0.54 9.37 2.01
C VAL A 70 0.37 10.54 0.99
N GLN A 71 0.46 11.77 1.47
CA GLN A 71 0.21 12.92 0.58
C GLN A 71 1.35 13.20 -0.38
N LEU A 72 1.01 13.42 -1.63
CA LEU A 72 1.97 13.90 -2.63
C LEU A 72 1.96 15.43 -2.52
N TYR A 73 3.12 16.03 -2.28
CA TYR A 73 3.24 17.47 -2.18
C TYR A 73 3.59 18.11 -3.49
N GLY A 74 4.29 17.39 -4.36
CA GLY A 74 4.72 17.91 -5.66
C GLY A 74 5.85 17.12 -6.27
N VAL A 75 6.30 17.57 -7.45
CA VAL A 75 7.40 16.93 -8.13
C VAL A 75 8.41 17.99 -8.58
N CYS A 76 9.64 17.57 -8.72
CA CYS A 76 10.70 18.46 -9.24
C CYS A 76 11.14 17.84 -10.55
N THR A 77 10.76 18.50 -11.64
CA THR A 77 10.95 17.89 -12.98
C THR A 77 11.87 18.65 -13.95
N LYS A 78 12.41 19.78 -13.52
CA LYS A 78 13.22 20.58 -14.45
C LYS A 78 14.63 20.00 -14.63
N GLN A 79 15.08 19.14 -13.70
CA GLN A 79 16.38 18.51 -13.81
C GLN A 79 16.25 17.00 -13.67
N ARG A 80 17.37 16.30 -13.85
CA ARG A 80 17.41 14.87 -13.65
C ARG A 80 18.51 14.52 -12.64
N PRO A 81 18.23 13.59 -11.71
CA PRO A 81 16.96 12.87 -11.62
C PRO A 81 15.79 13.76 -11.19
N ILE A 82 14.57 13.42 -11.59
CA ILE A 82 13.39 14.11 -11.05
C ILE A 82 13.14 13.64 -9.62
N PHE A 83 12.48 14.51 -8.84
CA PHE A 83 12.18 14.20 -7.45
C PHE A 83 10.66 14.11 -7.25
N ILE A 84 10.25 13.15 -6.39
CA ILE A 84 8.87 13.08 -5.92
C ILE A 84 8.85 13.46 -4.43
N ILE A 85 8.07 14.46 -4.07
CA ILE A 85 8.07 15.01 -2.71
C ILE A 85 6.79 14.59 -2.05
N THR A 86 6.92 13.88 -0.92
CA THR A 86 5.74 13.36 -0.22
C THR A 86 5.82 13.56 1.27
N GLU A 87 4.70 13.28 1.94
CA GLU A 87 4.61 13.24 3.38
C GLU A 87 5.65 12.34 3.98
N TYR A 88 6.32 12.80 5.03
CA TYR A 88 7.31 12.03 5.72
C TYR A 88 6.69 11.05 6.73
N MET A 89 7.12 9.79 6.66
CA MET A 89 6.58 8.70 7.48
C MET A 89 7.72 8.10 8.30
N ALA A 90 7.86 8.61 9.51
CA ALA A 90 9.12 8.44 10.22
C ALA A 90 9.41 7.02 10.60
N ASN A 91 8.40 6.13 10.69
CA ASN A 91 8.65 4.76 11.11
C ASN A 91 8.79 3.82 9.95
N GLY A 92 8.80 4.31 8.74
CA GLY A 92 9.22 3.51 7.60
C GLY A 92 8.21 2.51 7.06
N CYS A 93 8.65 1.54 6.31
CA CYS A 93 7.70 0.64 5.66
CA CYS A 93 7.82 0.59 5.65
C CYS A 93 7.07 -0.32 6.65
N LEU A 94 5.80 -0.60 6.40
CA LEU A 94 5.00 -1.42 7.30
C LEU A 94 5.60 -2.85 7.39
N LEU A 95 6.07 -3.38 6.30
CA LEU A 95 6.63 -4.74 6.31
C LEU A 95 7.74 -4.90 7.34
N ASN A 96 8.65 -3.96 7.34
CA ASN A 96 9.76 -4.00 8.27
C ASN A 96 9.31 -3.77 9.69
N TYR A 97 8.33 -2.86 9.85
CA TYR A 97 7.73 -2.56 11.17
C TYR A 97 7.08 -3.82 11.80
N LEU A 98 6.32 -4.54 11.00
CA LEU A 98 5.66 -5.77 11.46
C LEU A 98 6.65 -6.82 11.96
N ARG A 99 7.81 -6.87 11.28
CA ARG A 99 8.87 -7.89 11.54
C ARG A 99 9.67 -7.56 12.77
N GLU A 100 9.58 -6.37 13.34
CA GLU A 100 10.31 -6.05 14.58
C GLU A 100 9.58 -6.63 15.76
N MET A 101 10.14 -7.68 16.36
CA MET A 101 9.50 -8.37 17.46
C MET A 101 9.38 -7.52 18.72
N ARG A 102 10.22 -6.51 18.84
CA ARG A 102 10.17 -5.63 20.05
C ARG A 102 8.80 -4.98 20.27
N HIS A 103 8.03 -4.77 19.20
CA HIS A 103 6.78 -4.06 19.38
C HIS A 103 5.75 -4.84 20.20
N ARG A 104 5.81 -6.17 20.14
CA ARG A 104 4.91 -7.03 20.91
C ARG A 104 3.46 -6.58 20.74
N PHE A 105 3.06 -6.54 19.47
CA PHE A 105 1.77 -5.95 19.12
C PHE A 105 0.60 -6.70 19.72
N GLN A 106 -0.38 -5.96 20.19
CA GLN A 106 -1.67 -6.53 20.50
C GLN A 106 -2.49 -6.68 19.25
N THR A 107 -3.44 -7.61 19.26
CA THR A 107 -4.25 -7.75 18.03
C THR A 107 -5.09 -6.54 17.75
N GLN A 108 -5.46 -5.77 18.76
CA GLN A 108 -6.17 -4.52 18.48
C GLN A 108 -5.34 -3.57 17.67
N GLN A 109 -4.03 -3.54 17.86
CA GLN A 109 -3.13 -2.68 17.08
C GLN A 109 -3.11 -3.21 15.63
N LEU A 110 -3.04 -4.52 15.44
CA LEU A 110 -3.03 -5.08 14.11
C LEU A 110 -4.31 -4.75 13.36
N LEU A 111 -5.46 -4.87 14.04
CA LEU A 111 -6.76 -4.55 13.43
C LEU A 111 -6.86 -3.07 13.05
N GLU A 112 -6.28 -2.22 13.84
CA GLU A 112 -6.25 -0.77 13.50
C GLU A 112 -5.40 -0.49 12.29
N MET A 113 -4.28 -1.24 12.10
CA MET A 113 -3.50 -1.10 10.88
C MET A 113 -4.32 -1.49 9.65
N CYS A 114 -5.10 -2.53 9.78
CA CYS A 114 -6.03 -2.95 8.70
C CYS A 114 -7.04 -1.90 8.40
N LYS A 115 -7.61 -1.30 9.44
CA LYS A 115 -8.60 -0.25 9.28
C LYS A 115 -8.01 0.96 8.62
N ASP A 116 -6.84 1.38 8.99
CA ASP A 116 -6.17 2.50 8.36
C ASP A 116 -6.06 2.31 6.84
N VAL A 117 -5.55 1.14 6.43
CA VAL A 117 -5.43 0.85 5.01
C VAL A 117 -6.79 0.77 4.33
N CYS A 118 -7.72 0.10 4.99
CA CYS A 118 -9.05 0.00 4.39
C CYS A 118 -9.70 1.38 4.14
N GLU A 119 -9.48 2.29 5.05
CA GLU A 119 -10.07 3.66 4.88
C GLU A 119 -9.43 4.35 3.67
N ALA A 120 -8.10 4.18 3.50
CA ALA A 120 -7.41 4.74 2.36
C ALA A 120 -7.93 4.14 1.06
N MET A 121 -8.08 2.82 1.09
CA MET A 121 -8.53 2.11 -0.13
C MET A 121 -10.01 2.46 -0.44
N GLU A 122 -10.86 2.62 0.56
CA GLU A 122 -12.28 3.04 0.35
C GLU A 122 -12.25 4.40 -0.35
N TYR A 123 -11.37 5.29 0.07
CA TYR A 123 -11.23 6.58 -0.55
C TYR A 123 -10.80 6.45 -2.00
N LEU A 124 -9.74 5.69 -2.26
CA LEU A 124 -9.30 5.48 -3.65
C LEU A 124 -10.44 4.87 -4.48
N GLU A 125 -11.14 3.89 -3.95
CA GLU A 125 -12.26 3.26 -4.66
C GLU A 125 -13.34 4.30 -5.00
N SER A 126 -13.58 5.26 -4.09
CA SER A 126 -14.62 6.29 -4.31
C SER A 126 -14.19 7.18 -5.42
N LYS A 127 -12.92 7.26 -5.75
CA LYS A 127 -12.39 8.08 -6.81
C LYS A 127 -12.08 7.20 -8.04
N GLN A 128 -12.53 5.96 -8.06
CA GLN A 128 -12.26 4.98 -9.13
C GLN A 128 -10.77 4.89 -9.49
N PHE A 129 -9.94 5.01 -8.47
CA PHE A 129 -8.46 4.91 -8.58
C PHE A 129 -7.98 3.57 -8.07
N LEU A 130 -7.33 2.80 -8.90
CA LEU A 130 -6.72 1.52 -8.46
C LEU A 130 -5.33 1.69 -7.91
N HIS A 131 -5.00 0.98 -6.84
CA HIS A 131 -3.66 0.97 -6.37
C HIS A 131 -2.76 0.21 -7.35
N ARG A 132 -3.17 -0.99 -7.68
CA ARG A 132 -2.45 -1.92 -8.56
C ARG A 132 -1.29 -2.67 -7.93
N ASP A 133 -0.78 -2.35 -6.77
CA ASP A 133 0.29 -3.08 -6.11
C ASP A 133 0.22 -2.95 -4.61
N LEU A 134 -0.96 -3.14 -4.04
CA LEU A 134 -1.10 -3.01 -2.62
C LEU A 134 -0.43 -4.18 -1.91
N ALA A 135 0.35 -3.88 -0.90
CA ALA A 135 1.12 -4.90 -0.16
C ALA A 135 1.76 -4.23 1.03
N ALA A 136 2.13 -4.97 2.07
CA ALA A 136 2.72 -4.29 3.24
C ALA A 136 4.00 -3.50 2.89
N ARG A 137 4.75 -3.94 1.89
CA ARG A 137 5.98 -3.25 1.49
C ARG A 137 5.66 -1.84 0.93
N ASN A 138 4.41 -1.56 0.51
CA ASN A 138 3.98 -0.27 -0.05
C ASN A 138 3.08 0.47 0.89
N CYS A 139 3.06 0.16 2.18
CA CYS A 139 2.41 0.97 3.20
C CYS A 139 3.55 1.47 4.11
N LEU A 140 3.29 2.64 4.72
CA LEU A 140 4.28 3.31 5.55
C LEU A 140 3.69 3.59 6.89
N VAL A 141 4.48 3.89 7.89
CA VAL A 141 4.03 4.10 9.23
C VAL A 141 4.60 5.44 9.75
N ASN A 142 3.75 6.29 10.31
CA ASN A 142 4.28 7.60 10.77
C ASN A 142 4.67 7.51 12.23
N ASP A 143 5.10 8.65 12.76
CA ASP A 143 5.60 8.76 14.13
C ASP A 143 4.55 8.47 15.18
N GLN A 144 3.27 8.51 14.84
CA GLN A 144 2.18 8.16 15.73
C GLN A 144 1.69 6.72 15.56
N GLY A 145 2.35 5.95 14.73
CA GLY A 145 1.95 4.56 14.53
C GLY A 145 0.80 4.36 13.56
N VAL A 146 0.40 5.40 12.85
CA VAL A 146 -0.66 5.32 11.88
C VAL A 146 -0.06 4.80 10.56
N VAL A 147 -0.77 3.84 9.99
CA VAL A 147 -0.36 3.26 8.71
C VAL A 147 -1.04 4.00 7.57
N LYS A 148 -0.32 4.33 6.53
CA LYS A 148 -0.87 4.97 5.35
C LYS A 148 -0.41 4.26 4.09
N VAL A 149 -1.22 4.32 3.06
CA VAL A 149 -0.99 3.71 1.79
C VAL A 149 -0.15 4.63 0.93
N SER A 150 0.93 4.07 0.35
CA SER A 150 1.88 4.80 -0.49
C SER A 150 1.99 4.13 -1.86
N ASP A 151 2.56 4.91 -2.80
CA ASP A 151 2.94 4.44 -4.14
C ASP A 151 1.72 3.98 -4.93
N PHE A 152 0.56 4.51 -4.61
CA PHE A 152 -0.68 4.14 -5.30
C PHE A 152 -0.58 4.50 -6.78
N GLY A 153 -0.81 3.52 -7.63
CA GLY A 153 -0.78 3.73 -9.06
C GLY A 153 0.56 3.76 -9.72
N LEU A 154 1.63 3.81 -8.95
CA LEU A 154 2.94 4.12 -9.51
C LEU A 154 3.52 3.06 -10.41
N SER A 155 3.05 1.83 -10.26
CA SER A 155 3.57 0.74 -11.06
C SER A 155 3.30 0.95 -12.53
N ARG A 156 2.34 1.79 -12.88
CA ARG A 156 2.03 2.03 -14.29
C ARG A 156 3.13 2.75 -15.04
N TYR A 157 4.01 3.42 -14.32
CA TYR A 157 5.04 4.24 -14.96
C TYR A 157 6.42 3.60 -14.82
N VAL A 158 6.47 2.36 -14.38
CA VAL A 158 7.77 1.64 -14.24
C VAL A 158 8.12 1.01 -15.59
N LEU A 159 9.30 1.31 -16.12
CA LEU A 159 9.69 0.81 -17.46
C LEU A 159 10.37 -0.58 -17.43
N LYS A 170 9.86 -9.75 -10.77
CA LYS A 170 9.36 -9.06 -9.60
C LYS A 170 7.87 -8.76 -9.67
N PHE A 171 7.10 -9.48 -10.47
CA PHE A 171 5.64 -9.24 -10.49
C PHE A 171 5.03 -9.72 -9.14
N PRO A 172 3.99 -9.01 -8.61
CA PRO A 172 3.48 -9.42 -7.29
C PRO A 172 2.45 -10.57 -7.39
N VAL A 173 2.98 -11.70 -7.83
CA VAL A 173 2.22 -12.87 -7.93
C VAL A 173 1.48 -13.19 -6.65
N ARG A 174 2.14 -13.05 -5.50
CA ARG A 174 1.58 -13.50 -4.26
C ARG A 174 0.43 -12.60 -3.73
N TRP A 175 0.22 -11.45 -4.39
CA TRP A 175 -0.85 -10.52 -4.07
C TRP A 175 -1.84 -10.45 -5.18
N SER A 176 -1.88 -11.42 -6.12
CA SER A 176 -2.74 -11.33 -7.30
C SER A 176 -3.78 -12.39 -7.33
N PRO A 177 -5.01 -12.04 -7.76
CA PRO A 177 -6.09 -13.00 -7.88
C PRO A 177 -5.95 -13.88 -9.13
N PRO A 178 -6.75 -14.97 -9.19
CA PRO A 178 -6.68 -15.86 -10.37
C PRO A 178 -6.85 -15.17 -11.70
N GLU A 179 -7.74 -14.22 -11.78
CA GLU A 179 -7.99 -13.62 -13.09
C GLU A 179 -6.86 -12.74 -13.54
N VAL A 180 -6.08 -12.18 -12.61
CA VAL A 180 -4.91 -11.47 -12.97
C VAL A 180 -3.82 -12.43 -13.47
N LEU A 181 -3.63 -13.50 -12.72
CA LEU A 181 -2.59 -14.48 -13.06
C LEU A 181 -2.94 -15.11 -14.39
N MET A 182 -4.19 -15.43 -14.64
CA MET A 182 -4.55 -16.18 -15.86
C MET A 182 -4.72 -15.27 -17.04
N TYR A 183 -5.27 -14.06 -16.87
CA TYR A 183 -5.81 -13.28 -17.99
C TYR A 183 -5.38 -11.83 -17.96
N SER A 184 -4.66 -11.37 -16.94
CA SER A 184 -4.35 -9.96 -16.75
C SER A 184 -5.61 -9.07 -16.60
N LYS A 185 -6.59 -9.57 -15.88
CA LYS A 185 -7.80 -8.80 -15.64
C LYS A 185 -7.70 -8.02 -14.32
N PHE A 186 -7.29 -6.78 -14.40
CA PHE A 186 -7.17 -5.90 -13.26
C PHE A 186 -8.47 -5.18 -13.03
N SER A 187 -8.84 -4.96 -11.77
CA SER A 187 -10.09 -4.28 -11.46
C SER A 187 -10.04 -3.86 -10.01
N SER A 188 -11.10 -3.22 -9.54
CA SER A 188 -11.26 -2.99 -8.12
C SER A 188 -11.08 -4.25 -7.33
N LYS A 189 -11.60 -5.34 -7.87
CA LYS A 189 -11.53 -6.64 -7.18
C LYS A 189 -10.14 -7.27 -7.09
N SER A 190 -9.22 -6.82 -7.91
CA SER A 190 -7.86 -7.24 -7.73
C SER A 190 -7.20 -6.48 -6.59
N ASP A 191 -7.61 -5.21 -6.35
CA ASP A 191 -7.16 -4.50 -5.20
C ASP A 191 -7.77 -5.15 -3.96
N ILE A 192 -9.04 -5.59 -4.01
CA ILE A 192 -9.63 -6.26 -2.86
C ILE A 192 -8.83 -7.50 -2.46
N TRP A 193 -8.50 -8.32 -3.46
CA TRP A 193 -7.71 -9.54 -3.23
C TRP A 193 -6.40 -9.20 -2.54
N ALA A 194 -5.71 -8.21 -3.04
CA ALA A 194 -4.45 -7.77 -2.47
C ALA A 194 -4.57 -7.31 -1.05
N PHE A 195 -5.70 -6.59 -0.76
CA PHE A 195 -5.97 -6.13 0.63
C PHE A 195 -6.09 -7.34 1.57
N GLY A 196 -6.79 -8.39 1.13
CA GLY A 196 -6.86 -9.59 1.95
C GLY A 196 -5.50 -10.20 2.25
N VAL A 197 -4.63 -10.23 1.25
CA VAL A 197 -3.29 -10.71 1.46
C VAL A 197 -2.55 -9.78 2.43
N LEU A 198 -2.75 -8.45 2.30
CA LEU A 198 -2.16 -7.52 3.25
C LEU A 198 -2.63 -7.77 4.67
N MET A 199 -3.94 -8.00 4.88
CA MET A 199 -4.38 -8.38 6.25
C MET A 199 -3.60 -9.59 6.71
N TRP A 200 -3.49 -10.59 5.87
CA TRP A 200 -2.71 -11.80 6.23
C TRP A 200 -1.28 -11.44 6.59
N GLU A 201 -0.65 -10.55 5.85
CA GLU A 201 0.72 -10.12 6.18
C GLU A 201 0.78 -9.48 7.57
N ILE A 202 -0.23 -8.63 7.87
CA ILE A 202 -0.29 -7.91 9.18
C ILE A 202 -0.44 -8.93 10.29
N TYR A 203 -1.43 -9.81 10.18
CA TYR A 203 -1.67 -10.77 11.25
C TYR A 203 -0.60 -11.84 11.36
N SER A 204 0.21 -12.04 10.32
CA SER A 204 1.37 -12.95 10.36
C SER A 204 2.64 -12.22 10.74
N LEU A 205 2.58 -10.95 11.17
CA LEU A 205 3.78 -10.24 11.58
C LEU A 205 4.81 -10.21 10.47
N GLY A 206 4.36 -10.04 9.24
CA GLY A 206 5.24 -9.80 8.14
C GLY A 206 5.82 -11.04 7.46
N LYS A 207 5.29 -12.20 7.71
CA LYS A 207 5.70 -13.38 6.93
C LYS A 207 5.42 -13.16 5.46
N MET A 208 6.25 -13.75 4.60
CA MET A 208 6.03 -13.76 3.19
C MET A 208 4.74 -14.72 2.92
N PRO A 209 3.74 -14.19 2.16
CA PRO A 209 2.64 -15.04 1.82
C PRO A 209 3.13 -16.29 1.02
N TYR A 210 2.55 -17.42 1.32
CA TYR A 210 2.96 -18.70 0.66
C TYR A 210 4.45 -18.93 0.84
N GLU A 211 4.92 -18.83 2.05
CA GLU A 211 6.36 -18.73 2.32
C GLU A 211 7.18 -19.91 1.90
N ARG A 212 6.57 -21.05 1.77
CA ARG A 212 7.31 -22.25 1.36
C ARG A 212 7.27 -22.49 -0.13
N PHE A 213 6.58 -21.63 -0.89
CA PHE A 213 6.37 -21.82 -2.34
C PHE A 213 7.14 -20.77 -3.12
N THR A 214 7.47 -21.14 -4.36
CA THR A 214 7.92 -20.16 -5.33
C THR A 214 6.68 -19.38 -5.88
N ASN A 215 6.94 -18.33 -6.62
CA ASN A 215 5.88 -17.64 -7.35
C ASN A 215 5.15 -18.60 -8.28
N SER A 216 5.86 -19.40 -9.05
CA SER A 216 5.19 -20.33 -9.94
C SER A 216 4.28 -21.32 -9.21
N GLU A 217 4.73 -21.83 -8.09
CA GLU A 217 3.97 -22.75 -7.33
C GLU A 217 2.74 -22.02 -6.71
N THR A 218 2.92 -20.79 -6.28
CA THR A 218 1.82 -20.01 -5.76
C THR A 218 0.74 -19.82 -6.82
N ALA A 219 1.13 -19.52 -8.03
CA ALA A 219 0.10 -19.33 -9.08
C ALA A 219 -0.66 -20.60 -9.32
N GLU A 220 0.01 -21.71 -9.29
CA GLU A 220 -0.70 -23.01 -9.41
C GLU A 220 -1.65 -23.31 -8.26
N HIS A 221 -1.22 -23.05 -7.06
CA HIS A 221 -1.99 -23.25 -5.87
C HIS A 221 -3.29 -22.45 -5.96
N ILE A 222 -3.17 -21.19 -6.33
CA ILE A 222 -4.32 -20.29 -6.40
C ILE A 222 -5.30 -20.71 -7.45
N ALA A 223 -4.76 -21.11 -8.58
CA ALA A 223 -5.59 -21.50 -9.72
C ALA A 223 -6.34 -22.79 -9.41
N GLN A 224 -5.73 -23.70 -8.64
CA GLN A 224 -6.38 -24.90 -8.12
C GLN A 224 -7.43 -24.59 -7.03
N GLY A 225 -7.60 -23.31 -6.71
CA GLY A 225 -8.62 -22.85 -5.75
C GLY A 225 -8.20 -22.89 -4.28
N LEU A 226 -6.92 -23.12 -4.02
CA LEU A 226 -6.39 -23.16 -2.67
C LEU A 226 -5.96 -21.74 -2.24
N ARG A 227 -5.76 -21.56 -0.95
CA ARG A 227 -5.64 -20.24 -0.35
C ARG A 227 -4.67 -20.24 0.79
N LEU A 228 -4.27 -19.06 1.23
CA LEU A 228 -3.64 -18.87 2.51
C LEU A 228 -4.55 -19.41 3.58
N TYR A 229 -3.99 -19.72 4.74
CA TYR A 229 -4.81 -20.14 5.86
C TYR A 229 -4.60 -19.21 7.04
N ARG A 230 -5.30 -19.43 8.13
CA ARG A 230 -5.48 -18.48 9.17
C ARG A 230 -4.19 -18.19 9.96
N PRO A 231 -3.74 -16.93 10.04
CA PRO A 231 -2.63 -16.61 10.96
C PRO A 231 -3.03 -16.91 12.37
N HIS A 232 -2.11 -17.31 13.19
CA HIS A 232 -2.44 -17.61 14.55
C HIS A 232 -3.02 -16.44 15.35
N LEU A 233 -2.61 -15.24 15.03
CA LEU A 233 -3.12 -14.04 15.74
C LEU A 233 -4.46 -13.61 15.26
N ALA A 234 -4.96 -14.12 14.16
CA ALA A 234 -6.30 -13.76 13.67
C ALA A 234 -7.41 -14.56 14.29
N SER A 235 -8.40 -13.89 14.87
CA SER A 235 -9.61 -14.55 15.31
C SER A 235 -10.34 -15.12 14.14
N GLU A 236 -11.28 -16.01 14.38
CA GLU A 236 -12.15 -16.46 13.34
C GLU A 236 -12.82 -15.36 12.56
N LYS A 237 -13.32 -14.35 13.27
CA LYS A 237 -14.05 -13.25 12.59
C LYS A 237 -13.07 -12.46 11.71
N VAL A 238 -11.84 -12.23 12.17
CA VAL A 238 -10.85 -11.56 11.31
C VAL A 238 -10.49 -12.40 10.13
N TYR A 239 -10.31 -13.71 10.32
CA TYR A 239 -10.02 -14.60 9.20
C TYR A 239 -11.11 -14.59 8.16
N THR A 240 -12.35 -14.53 8.62
CA THR A 240 -13.50 -14.48 7.69
C THR A 240 -13.39 -13.27 6.80
N ILE A 241 -12.99 -12.14 7.36
CA ILE A 241 -12.87 -10.90 6.57
C ILE A 241 -11.76 -11.04 5.50
N MET A 242 -10.56 -11.48 5.89
CA MET A 242 -9.50 -11.59 4.90
C MET A 242 -9.84 -12.65 3.83
N TYR A 243 -10.47 -13.74 4.27
CA TYR A 243 -10.79 -14.84 3.36
C TYR A 243 -11.84 -14.42 2.34
N SER A 244 -12.77 -13.54 2.74
CA SER A 244 -13.82 -13.01 1.83
C SER A 244 -13.20 -12.27 0.63
N CYS A 245 -11.97 -11.76 0.79
CA CYS A 245 -11.29 -11.05 -0.31
C CYS A 245 -10.79 -11.99 -1.37
N TRP A 246 -10.85 -13.29 -1.12
CA TRP A 246 -10.19 -14.29 -1.99
C TRP A 246 -11.20 -15.17 -2.74
N HIS A 247 -12.45 -14.73 -2.85
CA HIS A 247 -13.42 -15.50 -3.60
C HIS A 247 -12.89 -15.71 -5.01
N GLU A 248 -13.08 -16.92 -5.54
CA GLU A 248 -12.69 -17.21 -6.89
C GLU A 248 -13.36 -16.31 -7.91
N LYS A 249 -14.61 -15.98 -7.66
CA LYS A 249 -15.39 -15.03 -8.50
C LYS A 249 -15.18 -13.61 -8.03
N ALA A 250 -14.56 -12.79 -8.86
CA ALA A 250 -14.29 -11.41 -8.49
C ALA A 250 -15.55 -10.69 -8.01
N ASP A 251 -16.68 -10.93 -8.67
CA ASP A 251 -17.86 -10.19 -8.34
C ASP A 251 -18.47 -10.56 -7.00
N GLU A 252 -18.02 -11.66 -6.40
CA GLU A 252 -18.50 -12.07 -5.08
C GLU A 252 -17.58 -11.55 -3.95
N ARG A 253 -16.51 -10.85 -4.29
CA ARG A 253 -15.68 -10.21 -3.29
C ARG A 253 -16.29 -8.92 -2.83
N PRO A 254 -16.07 -8.56 -1.59
CA PRO A 254 -16.66 -7.34 -1.07
C PRO A 254 -16.07 -6.08 -1.71
N THR A 255 -16.63 -4.92 -1.45
CA THR A 255 -16.06 -3.60 -1.67
C THR A 255 -15.24 -3.21 -0.44
N PHE A 256 -14.50 -2.14 -0.61
CA PHE A 256 -13.77 -1.54 0.53
C PHE A 256 -14.70 -0.97 1.61
N LYS A 257 -15.83 -0.43 1.18
CA LYS A 257 -16.83 0.06 2.10
C LYS A 257 -17.39 -1.04 2.95
N ILE A 258 -17.73 -2.17 2.38
CA ILE A 258 -18.16 -3.34 3.11
C ILE A 258 -17.08 -3.83 4.05
N LEU A 259 -15.84 -3.95 3.53
CA LEU A 259 -14.70 -4.40 4.39
C LEU A 259 -14.54 -3.50 5.61
N LEU A 260 -14.72 -2.18 5.41
CA LEU A 260 -14.56 -1.24 6.52
C LEU A 260 -15.62 -1.51 7.60
N SER A 261 -16.84 -1.75 7.13
CA SER A 261 -17.95 -2.04 8.07
C SER A 261 -17.70 -3.32 8.82
N ASN A 262 -17.10 -4.32 8.13
CA ASN A 262 -16.78 -5.60 8.77
C ASN A 262 -15.71 -5.39 9.82
N ILE A 263 -14.69 -4.59 9.49
CA ILE A 263 -13.58 -4.36 10.43
C ILE A 263 -14.02 -3.63 11.70
N LEU A 264 -14.88 -2.64 11.49
CA LEU A 264 -15.45 -1.85 12.63
C LEU A 264 -16.30 -2.76 13.52
N ASP A 265 -17.04 -3.67 12.91
CA ASP A 265 -17.88 -4.59 13.68
C ASP A 265 -16.99 -5.46 14.52
N VAL A 266 -15.88 -5.99 14.01
CA VAL A 266 -14.97 -6.76 14.84
C VAL A 266 -14.31 -5.95 15.92
N MET A 267 -13.92 -4.70 15.65
CA MET A 267 -13.35 -3.87 16.65
C MET A 267 -14.34 -3.68 17.80
N ASP A 268 -15.63 -3.51 17.49
CA ASP A 268 -16.67 -3.32 18.52
C ASP A 268 -16.89 -4.59 19.34
N GLU A 269 -16.75 -5.75 18.71
CA GLU A 269 -17.01 -7.08 19.33
C GLU A 269 -15.82 -7.53 20.12
N GLU A 270 -14.62 -7.24 19.63
CA GLU A 270 -13.37 -7.69 20.26
C GLU A 270 -12.73 -6.66 21.16
N SER A 271 -13.45 -5.56 21.42
CA SER A 271 -12.98 -4.50 22.32
C SER A 271 -12.98 -4.99 23.76
C2 GJJ B . 10.08 6.29 3.72
C3 GJJ B . 9.18 7.15 2.92
C9 GJJ B . 11.19 5.91 5.87
C10 GJJ B . 11.28 6.40 7.17
C11 GJJ B . 12.08 5.74 8.11
C12 GJJ B . 12.81 4.60 7.72
C13 GJJ B . 12.70 4.10 6.43
C14 GJJ B . 11.88 4.75 5.51
C15 GJJ B . 13.64 3.78 8.66
O17 GJJ B . 14.51 3.07 8.14
C19 GJJ B . 15.48 3.25 11.08
C20 GJJ B . 13.33 3.08 12.32
C21 GJJ B . 13.85 1.40 10.59
C22 GJJ B . 10.79 3.43 -0.12
C24 GJJ B . 11.85 1.68 1.17
N26 GJJ B . 10.86 0.61 1.27
C27 GJJ B . 8.50 8.33 3.57
C30 GJJ B . 11.00 -0.45 2.07
C32 GJJ B . 9.94 -1.53 2.02
C33 GJJ B . 9.62 -2.34 3.29
N1 GJJ B . 10.61 5.21 3.09
C4 GJJ B . 8.92 6.88 1.60
C5 GJJ B . 9.49 5.73 1.03
C6 GJJ B . 10.34 4.95 1.79
N7 GJJ B . 10.93 3.80 1.28
N8 GJJ B . 10.35 6.56 5.02
N16 GJJ B . 13.31 3.71 9.97
C18 GJJ B . 14.01 2.89 10.97
C23 GJJ B . 11.73 2.23 -0.23
C25 GJJ B . 11.67 2.89 2.12
N28 GJJ B . 7.40 8.87 2.91
O29 GJJ B . 8.88 8.74 4.64
O31 GJJ B . 11.95 -0.68 2.83
S DMS C . 21.86 19.94 3.03
O DMS C . 20.68 20.21 2.09
C1 DMS C . 23.12 21.15 2.92
C2 DMS C . 21.59 20.38 4.66
#